data_7XV8
#
_entry.id   7XV8
#
_cell.length_a   51.874
_cell.length_b   51.874
_cell.length_c   241.506
_cell.angle_alpha   90.000
_cell.angle_beta   90.000
_cell.angle_gamma   90.000
#
_symmetry.space_group_name_H-M   'P 43 21 2'
#
loop_
_entity.id
_entity.type
_entity.pdbx_description
1 polymer 'Nuclear receptor subfamily 2 group C member 2'
2 polymer "DNA (5'-D(*GP*GP*CP*AP*GP*AP*GP*GP*TP*CP*AP*AP*AP*GP*GP*TP*CP*A)-3')"
3 polymer "DNA (5'-D(*CP*TP*GP*AP*CP*CP*TP*TP*TP*GP*AP*CP*CP*TP*CP*TP*GP*C)-3')"
4 non-polymer 'ZINC ION'
5 water water
#
loop_
_entity_poly.entity_id
_entity_poly.type
_entity_poly.pdbx_seq_one_letter_code
_entity_poly.pdbx_strand_id
1 'polypeptide(L)' VVEYCVVCGDKASGRHYGAVSCEGCKGFFKRSVRKNLTYSCRSNQDCIINKHHRNRCQFCRLKKCLEMGMKMESVQS A,B
2 'polydeoxyribonucleotide' (DG)(DG)(DC)(DA)(DG)(DA)(DG)(DG)(DT)(DC)(DA)(DA)(DA)(DG)(DG)(DT)(DC)(DA) C
3 'polydeoxyribonucleotide' (DC)(DT)(DG)(DA)(DC)(DC)(DT)(DT)(DT)(DG)(DA)(DC)(DC)(DT)(DC)(DT)(DG)(DC) D
#
# COMPACT_ATOMS: atom_id res chain seq x y z
N VAL A 1 -28.36 -1.93 -7.71
CA VAL A 1 -27.36 -1.67 -8.81
C VAL A 1 -25.93 -1.76 -8.25
N VAL A 2 -25.71 -1.42 -6.96
CA VAL A 2 -24.39 -1.55 -6.27
C VAL A 2 -24.28 -2.95 -5.68
N GLU A 3 -23.17 -3.64 -5.94
CA GLU A 3 -22.89 -5.02 -5.48
C GLU A 3 -21.56 -4.92 -4.73
N TYR A 4 -21.40 -5.63 -3.62
CA TYR A 4 -20.23 -5.51 -2.72
C TYR A 4 -19.51 -6.86 -2.66
N CYS A 5 -18.18 -6.82 -2.53
CA CYS A 5 -17.30 -8.02 -2.44
C CYS A 5 -17.60 -8.73 -1.13
N VAL A 6 -17.97 -10.02 -1.22
CA VAL A 6 -18.33 -10.93 -0.07
C VAL A 6 -17.12 -11.15 0.84
N VAL A 7 -15.90 -11.04 0.28
CA VAL A 7 -14.59 -11.10 1.02
C VAL A 7 -14.39 -9.81 1.82
N CYS A 8 -14.31 -8.66 1.14
CA CYS A 8 -13.79 -7.39 1.72
C CYS A 8 -14.79 -6.23 1.69
N GLY A 9 -15.96 -6.38 1.06
CA GLY A 9 -17.02 -5.34 1.07
C GLY A 9 -16.68 -4.13 0.20
N ASP A 10 -15.67 -4.23 -0.66
CA ASP A 10 -15.30 -3.21 -1.68
C ASP A 10 -16.32 -3.28 -2.81
N LYS A 11 -16.52 -2.20 -3.57
CA LYS A 11 -17.39 -2.25 -4.77
C LYS A 11 -16.90 -3.45 -5.58
N ALA A 12 -17.81 -4.35 -5.96
CA ALA A 12 -17.54 -5.60 -6.71
C ALA A 12 -17.72 -5.36 -8.21
N SER A 13 -16.70 -5.64 -9.02
CA SER A 13 -16.75 -5.68 -10.51
C SER A 13 -17.78 -6.72 -10.98
N GLY A 14 -17.87 -7.88 -10.31
CA GLY A 14 -18.92 -8.90 -10.51
C GLY A 14 -18.60 -10.26 -9.88
N ARG A 15 -19.25 -11.31 -10.36
CA ARG A 15 -18.92 -12.72 -10.01
C ARG A 15 -17.61 -13.11 -10.70
N HIS A 16 -16.62 -13.51 -9.90
CA HIS A 16 -15.32 -14.07 -10.35
C HIS A 16 -15.03 -15.37 -9.59
N TYR A 17 -14.80 -16.46 -10.31
CA TYR A 17 -14.43 -17.81 -9.75
C TYR A 17 -15.55 -18.36 -8.85
N GLY A 18 -16.77 -17.86 -9.04
CA GLY A 18 -17.97 -18.32 -8.32
C GLY A 18 -18.41 -17.37 -7.22
N ALA A 19 -17.85 -16.16 -7.13
CA ALA A 19 -18.09 -15.23 -5.99
C ALA A 19 -18.17 -13.77 -6.44
N VAL A 20 -19.19 -13.04 -5.99
CA VAL A 20 -19.28 -11.54 -6.08
C VAL A 20 -18.05 -10.94 -5.38
N SER A 21 -17.13 -10.36 -6.17
CA SER A 21 -15.74 -10.03 -5.77
C SER A 21 -15.33 -8.64 -6.28
N CYS A 22 -14.46 -7.96 -5.53
CA CYS A 22 -13.71 -6.75 -6.00
C CYS A 22 -12.58 -7.22 -6.90
N GLU A 23 -12.03 -6.32 -7.71
CA GLU A 23 -10.94 -6.70 -8.65
C GLU A 23 -9.73 -7.18 -7.83
N GLY A 24 -9.49 -6.60 -6.67
CA GLY A 24 -8.36 -7.01 -5.82
C GLY A 24 -8.49 -8.45 -5.42
N CYS A 25 -9.68 -8.84 -5.00
CA CYS A 25 -9.95 -10.22 -4.51
C CYS A 25 -9.73 -11.22 -5.66
N LYS A 26 -10.18 -10.88 -6.87
CA LYS A 26 -10.02 -11.74 -8.08
C LYS A 26 -8.54 -12.06 -8.23
N GLY A 27 -7.72 -11.02 -8.46
CA GLY A 27 -6.27 -11.07 -8.69
C GLY A 27 -5.52 -11.82 -7.59
N PHE A 28 -5.84 -11.58 -6.32
CA PHE A 28 -5.28 -12.39 -5.22
C PHE A 28 -5.57 -13.87 -5.49
N PHE A 29 -6.84 -14.21 -5.76
CA PHE A 29 -7.28 -15.62 -5.91
C PHE A 29 -6.43 -16.22 -7.01
N LYS A 30 -6.38 -15.54 -8.15
CA LYS A 30 -5.66 -16.04 -9.34
C LYS A 30 -4.23 -16.42 -8.95
N ARG A 31 -3.50 -15.41 -8.50
CA ARG A 31 -2.04 -15.50 -8.20
C ARG A 31 -1.84 -16.63 -7.20
N SER A 32 -2.63 -16.65 -6.13
CA SER A 32 -2.53 -17.68 -5.06
C SER A 32 -2.64 -19.06 -5.73
N VAL A 33 -3.70 -19.28 -6.52
CA VAL A 33 -3.96 -20.58 -7.19
C VAL A 33 -2.84 -20.83 -8.21
N ARG A 34 -2.58 -19.84 -9.10
CA ARG A 34 -1.61 -19.99 -10.21
C ARG A 34 -0.22 -20.35 -9.64
N LYS A 35 0.19 -19.78 -8.50
CA LYS A 35 1.53 -19.98 -7.87
C LYS A 35 1.49 -21.12 -6.84
N ASN A 36 0.33 -21.79 -6.68
CA ASN A 36 0.09 -22.88 -5.68
C ASN A 36 0.44 -22.37 -4.30
N LEU A 37 0.08 -21.12 -4.01
CA LEU A 37 0.51 -20.43 -2.77
C LEU A 37 -0.53 -20.66 -1.67
N THR A 38 -0.12 -21.36 -0.62
CA THR A 38 -0.73 -21.31 0.73
C THR A 38 0.16 -20.41 1.59
N TYR A 39 -0.50 -19.54 2.35
CA TYR A 39 0.13 -18.55 3.26
C TYR A 39 -0.08 -19.06 4.69
N SER A 40 0.58 -18.45 5.67
CA SER A 40 0.36 -18.68 7.13
C SER A 40 -0.13 -17.38 7.80
N CYS A 41 -0.69 -17.50 8.99
CA CYS A 41 -1.32 -16.39 9.75
C CYS A 41 -0.65 -16.31 11.12
N ARG A 42 -0.52 -15.09 11.67
CA ARG A 42 0.24 -14.84 12.92
C ARG A 42 -0.71 -14.41 14.05
N SER A 43 -2.02 -14.60 13.93
CA SER A 43 -3.02 -14.05 14.88
C SER A 43 -4.22 -14.99 15.00
N ASN A 44 -3.93 -16.30 15.15
CA ASN A 44 -4.96 -17.34 15.47
C ASN A 44 -6.10 -17.29 14.44
N GLN A 45 -5.76 -17.16 13.15
CA GLN A 45 -6.69 -17.16 11.97
C GLN A 45 -7.94 -16.29 12.27
N ASP A 46 -7.81 -15.28 13.14
CA ASP A 46 -8.91 -14.40 13.61
C ASP A 46 -8.98 -13.18 12.68
N CYS A 47 -7.94 -12.94 11.87
CA CYS A 47 -7.77 -11.70 11.08
C CYS A 47 -9.07 -11.38 10.37
N ILE A 48 -9.60 -10.15 10.53
CA ILE A 48 -10.87 -9.64 9.94
C ILE A 48 -10.53 -8.90 8.62
N ILE A 49 -10.88 -9.48 7.46
CA ILE A 49 -10.66 -8.89 6.08
C ILE A 49 -11.71 -7.80 5.82
N ASN A 50 -11.25 -6.54 5.81
CA ASN A 50 -12.01 -5.29 5.49
C ASN A 50 -11.30 -4.65 4.30
N LYS A 51 -12.01 -3.89 3.46
CA LYS A 51 -11.41 -3.17 2.30
C LYS A 51 -10.10 -2.49 2.72
N HIS A 52 -10.15 -1.68 3.80
CA HIS A 52 -9.00 -0.98 4.42
C HIS A 52 -7.83 -1.96 4.64
N HIS A 53 -8.03 -3.04 5.41
CA HIS A 53 -6.91 -3.81 5.99
C HIS A 53 -6.95 -5.26 5.47
N ARG A 54 -7.33 -5.44 4.20
CA ARG A 54 -7.47 -6.77 3.54
C ARG A 54 -6.10 -7.39 3.29
N ASN A 55 -5.07 -6.60 3.02
CA ASN A 55 -3.71 -7.12 2.69
C ASN A 55 -2.92 -7.51 3.96
N ARG A 56 -3.51 -7.35 5.16
CA ARG A 56 -2.97 -7.81 6.47
C ARG A 56 -2.61 -9.29 6.42
N CYS A 57 -3.58 -10.18 6.24
CA CYS A 57 -3.37 -11.65 6.32
C CYS A 57 -3.76 -12.33 4.99
N GLN A 58 -2.80 -12.51 4.09
CA GLN A 58 -2.95 -13.29 2.84
C GLN A 58 -3.66 -14.60 3.19
N PHE A 59 -3.19 -15.30 4.22
CA PHE A 59 -3.78 -16.60 4.63
C PHE A 59 -5.28 -16.40 4.85
N CYS A 60 -5.64 -15.45 5.71
CA CYS A 60 -7.05 -15.22 6.16
C CYS A 60 -7.91 -14.73 4.98
N ARG A 61 -7.36 -13.97 4.03
CA ARG A 61 -8.01 -13.61 2.73
C ARG A 61 -8.37 -14.87 1.93
N LEU A 62 -7.43 -15.79 1.74
CA LEU A 62 -7.64 -17.01 0.91
C LEU A 62 -8.66 -17.93 1.59
N LYS A 63 -8.57 -18.07 2.91
CA LYS A 63 -9.60 -18.71 3.74
C LYS A 63 -10.97 -18.12 3.37
N LYS A 64 -11.17 -16.81 3.52
CA LYS A 64 -12.48 -16.14 3.28
C LYS A 64 -12.89 -16.33 1.82
N CYS A 65 -11.93 -16.30 0.90
CA CYS A 65 -12.15 -16.36 -0.55
C CYS A 65 -12.80 -17.70 -0.88
N LEU A 66 -12.25 -18.76 -0.33
CA LEU A 66 -12.74 -20.16 -0.48
C LEU A 66 -14.05 -20.32 0.31
N GLU A 67 -14.10 -19.85 1.56
CA GLU A 67 -15.33 -19.79 2.41
C GLU A 67 -16.50 -19.23 1.58
N MET A 68 -16.28 -18.12 0.89
CA MET A 68 -17.32 -17.37 0.13
C MET A 68 -17.50 -17.93 -1.28
N GLY A 69 -16.91 -19.09 -1.59
CA GLY A 69 -17.26 -19.88 -2.78
C GLY A 69 -16.47 -19.52 -4.02
N MET A 70 -15.31 -18.89 -3.87
CA MET A 70 -14.30 -18.81 -4.95
C MET A 70 -13.75 -20.21 -5.14
N LYS A 71 -13.52 -20.62 -6.39
CA LYS A 71 -13.23 -22.02 -6.75
C LYS A 71 -11.91 -22.08 -7.51
N MET A 72 -10.94 -22.78 -6.92
CA MET A 72 -9.57 -22.97 -7.49
C MET A 72 -9.71 -23.50 -8.91
N GLU A 73 -10.62 -24.46 -9.07
CA GLU A 73 -10.85 -25.26 -10.31
C GLU A 73 -11.23 -24.32 -11.45
N SER A 74 -11.80 -23.14 -11.13
CA SER A 74 -12.26 -22.11 -12.08
C SER A 74 -11.12 -21.21 -12.56
N VAL A 75 -10.04 -21.04 -11.78
CA VAL A 75 -8.81 -20.31 -12.23
C VAL A 75 -8.01 -21.23 -13.16
N GLN A 76 -7.80 -20.81 -14.43
CA GLN A 76 -7.05 -21.57 -15.48
C GLN A 76 -5.61 -21.79 -14.99
N SER A 77 -4.97 -22.89 -15.39
CA SER A 77 -3.62 -23.30 -14.91
N VAL B 2 14.10 10.04 -17.61
CA VAL B 2 14.86 10.85 -16.59
C VAL B 2 13.92 11.98 -16.07
N GLU B 3 13.39 11.82 -14.86
CA GLU B 3 12.69 12.90 -14.09
C GLU B 3 13.35 13.03 -12.69
N TYR B 4 13.19 14.17 -12.01
CA TYR B 4 13.95 14.43 -10.76
C TYR B 4 13.00 14.69 -9.59
N CYS B 5 13.33 14.06 -8.47
CA CYS B 5 12.56 14.06 -7.20
C CYS B 5 12.37 15.51 -6.74
N VAL B 6 11.13 15.93 -6.50
CA VAL B 6 10.80 17.33 -6.08
C VAL B 6 11.38 17.65 -4.71
N VAL B 7 11.60 16.65 -3.84
CA VAL B 7 12.06 16.83 -2.43
C VAL B 7 13.57 17.10 -2.43
N CYS B 8 14.33 16.11 -2.92
CA CYS B 8 15.81 16.07 -2.82
C CYS B 8 16.49 16.50 -4.12
N GLY B 9 15.85 16.28 -5.28
CA GLY B 9 16.38 16.66 -6.60
C GLY B 9 17.15 15.53 -7.26
N ASP B 10 17.23 14.37 -6.60
CA ASP B 10 17.84 13.14 -7.16
C ASP B 10 17.05 12.71 -8.40
N LYS B 11 17.56 11.77 -9.19
CA LYS B 11 16.79 11.10 -10.26
C LYS B 11 15.66 10.32 -9.60
N ALA B 12 14.41 10.55 -10.01
CA ALA B 12 13.22 9.88 -9.40
C ALA B 12 13.03 8.48 -10.01
N SER B 13 12.68 7.53 -9.14
CA SER B 13 12.21 6.17 -9.51
C SER B 13 10.94 6.28 -10.36
N GLY B 14 9.89 6.86 -9.77
CA GLY B 14 8.59 7.11 -10.42
C GLY B 14 7.82 8.19 -9.69
N ARG B 15 6.50 8.24 -9.86
CA ARG B 15 5.60 9.06 -9.02
C ARG B 15 5.35 8.25 -7.75
N HIS B 16 5.52 8.84 -6.56
CA HIS B 16 5.37 8.17 -5.23
C HIS B 16 4.54 9.03 -4.26
N TYR B 17 3.38 8.51 -3.84
CA TYR B 17 2.38 9.13 -2.93
C TYR B 17 1.95 10.52 -3.45
N GLY B 18 1.86 10.68 -4.76
CA GLY B 18 1.28 11.89 -5.38
C GLY B 18 2.34 12.87 -5.86
N ALA B 19 3.62 12.46 -5.88
CA ALA B 19 4.74 13.33 -6.35
C ALA B 19 5.90 12.51 -6.91
N VAL B 20 6.46 12.94 -8.05
CA VAL B 20 7.66 12.35 -8.71
C VAL B 20 8.82 12.42 -7.71
N SER B 21 9.25 11.26 -7.21
CA SER B 21 10.05 11.10 -5.97
C SER B 21 11.18 10.08 -6.22
N CYS B 22 12.29 10.20 -5.49
CA CYS B 22 13.38 9.19 -5.45
C CYS B 22 12.90 8.08 -4.52
N GLU B 23 13.56 6.93 -4.51
CA GLU B 23 13.15 5.85 -3.59
C GLU B 23 13.31 6.39 -2.17
N GLY B 24 14.38 7.14 -1.88
CA GLY B 24 14.70 7.55 -0.50
C GLY B 24 13.54 8.27 0.19
N CYS B 25 12.99 9.28 -0.50
CA CYS B 25 11.90 10.16 -0.03
C CYS B 25 10.60 9.33 0.05
N LYS B 26 10.44 8.38 -0.86
CA LYS B 26 9.35 7.38 -0.81
C LYS B 26 9.48 6.61 0.50
N GLY B 27 10.70 6.14 0.79
CA GLY B 27 10.98 5.36 2.02
C GLY B 27 10.75 6.20 3.24
N PHE B 28 11.39 7.36 3.26
CA PHE B 28 11.24 8.37 4.33
C PHE B 28 9.75 8.54 4.62
N PHE B 29 8.96 8.77 3.56
CA PHE B 29 7.54 9.17 3.71
C PHE B 29 6.79 8.00 4.36
N LYS B 30 6.92 6.83 3.76
CA LYS B 30 6.24 5.61 4.27
C LYS B 30 6.45 5.53 5.79
N ARG B 31 7.72 5.43 6.23
CA ARG B 31 8.11 5.13 7.63
C ARG B 31 7.63 6.27 8.52
N SER B 32 7.70 7.49 8.02
CA SER B 32 7.34 8.69 8.81
C SER B 32 5.85 8.58 9.21
N VAL B 33 4.99 8.31 8.22
CA VAL B 33 3.52 8.22 8.41
C VAL B 33 3.22 6.90 9.15
N ARG B 34 3.89 5.81 8.78
CA ARG B 34 3.63 4.48 9.36
C ARG B 34 3.82 4.54 10.88
N LYS B 35 4.95 5.12 11.30
CA LYS B 35 5.35 5.18 12.73
C LYS B 35 4.89 6.53 13.30
N ASN B 36 4.01 7.23 12.58
CA ASN B 36 3.40 8.49 13.07
C ASN B 36 4.51 9.27 13.75
N LEU B 37 5.62 9.38 13.04
CA LEU B 37 6.81 10.10 13.50
C LEU B 37 6.55 11.59 13.27
N THR B 38 6.78 12.40 14.29
CA THR B 38 6.95 13.88 14.22
C THR B 38 8.44 14.15 14.47
N TYR B 39 8.95 15.27 13.97
CA TYR B 39 10.41 15.56 13.96
C TYR B 39 10.68 16.96 14.52
N SER B 40 11.88 17.12 15.05
CA SER B 40 12.40 18.36 15.68
C SER B 40 13.54 18.87 14.79
N CYS B 41 13.61 20.18 14.58
CA CYS B 41 14.65 20.86 13.77
C CYS B 41 15.60 21.61 14.71
N ARG B 42 16.89 21.61 14.40
CA ARG B 42 17.94 22.30 15.20
C ARG B 42 18.49 23.52 14.44
N SER B 43 17.80 23.94 13.38
CA SER B 43 18.26 25.04 12.48
C SER B 43 17.03 25.79 11.94
N ASN B 44 16.08 26.11 12.83
CA ASN B 44 15.02 27.13 12.61
C ASN B 44 14.10 26.78 11.40
N GLN B 45 14.02 25.51 10.95
CA GLN B 45 12.92 24.95 10.12
C GLN B 45 12.90 25.53 8.69
N ASP B 46 14.06 25.82 8.07
CA ASP B 46 14.14 26.09 6.61
C ASP B 46 15.40 25.43 6.05
N CYS B 47 15.79 24.29 6.62
CA CYS B 47 16.97 23.48 6.23
C CYS B 47 16.89 23.14 4.74
N ILE B 48 17.97 23.36 3.96
CA ILE B 48 18.05 23.06 2.49
C ILE B 48 18.06 21.54 2.34
N ILE B 49 17.28 21.00 1.42
CA ILE B 49 17.21 19.52 1.22
C ILE B 49 17.67 19.23 -0.21
N ASN B 50 18.85 18.63 -0.34
CA ASN B 50 19.41 18.22 -1.65
C ASN B 50 19.93 16.78 -1.49
N LYS B 51 20.20 16.10 -2.60
CA LYS B 51 20.77 14.72 -2.62
C LYS B 51 21.98 14.65 -1.69
N HIS B 52 22.92 15.60 -1.80
CA HIS B 52 24.25 15.57 -1.13
C HIS B 52 24.08 15.68 0.38
N HIS B 53 23.00 16.33 0.84
CA HIS B 53 22.75 16.62 2.28
C HIS B 53 21.24 16.58 2.52
N ARG B 54 20.62 15.42 2.35
CA ARG B 54 19.15 15.20 2.51
C ARG B 54 18.80 14.85 3.97
N ASN B 55 19.71 14.17 4.68
CA ASN B 55 19.43 13.49 5.97
C ASN B 55 19.85 14.35 7.17
N ARG B 56 20.20 15.63 6.93
CA ARG B 56 20.52 16.58 8.02
C ARG B 56 19.27 16.75 8.90
N CYS B 57 18.15 17.18 8.30
CA CYS B 57 16.90 17.49 9.03
C CYS B 57 15.77 16.62 8.48
N GLN B 58 15.31 15.67 9.29
CA GLN B 58 14.17 14.80 8.93
C GLN B 58 12.90 15.67 8.90
N PHE B 59 12.79 16.56 9.89
CA PHE B 59 11.66 17.48 10.05
C PHE B 59 11.49 18.25 8.75
N CYS B 60 12.50 19.02 8.38
CA CYS B 60 12.43 19.91 7.20
C CYS B 60 12.13 19.10 5.93
N ARG B 61 12.72 17.92 5.80
CA ARG B 61 12.45 17.01 4.65
C ARG B 61 10.95 16.72 4.59
N LEU B 62 10.37 16.16 5.65
CA LEU B 62 8.94 15.81 5.70
C LEU B 62 8.09 17.02 5.28
N LYS B 63 8.39 18.20 5.82
CA LYS B 63 7.67 19.45 5.43
C LYS B 63 7.68 19.47 3.90
N LYS B 64 8.88 19.48 3.29
CA LYS B 64 9.06 19.54 1.80
C LYS B 64 8.17 18.45 1.18
N CYS B 65 8.36 17.19 1.59
CA CYS B 65 7.55 16.03 1.11
C CYS B 65 6.09 16.46 1.04
N LEU B 66 5.52 16.90 2.15
CA LEU B 66 4.11 17.34 2.18
C LEU B 66 3.94 18.52 1.21
N GLU B 67 4.73 19.57 1.38
CA GLU B 67 4.59 20.83 0.61
C GLU B 67 4.55 20.48 -0.90
N MET B 68 5.45 19.62 -1.38
CA MET B 68 5.55 19.27 -2.83
C MET B 68 4.42 18.30 -3.23
N GLY B 69 3.57 17.90 -2.28
CA GLY B 69 2.26 17.32 -2.58
C GLY B 69 2.18 15.83 -2.35
N MET B 70 3.25 15.18 -1.90
CA MET B 70 3.12 13.81 -1.34
C MET B 70 1.91 13.78 -0.40
N LYS B 71 1.08 12.75 -0.51
CA LYS B 71 -0.21 12.68 0.24
C LYS B 71 -0.09 11.57 1.29
N MET B 72 -0.12 11.91 2.57
CA MET B 72 -0.05 10.90 3.64
C MET B 72 -1.14 9.84 3.40
N GLU B 73 -2.37 10.27 3.08
CA GLU B 73 -3.56 9.38 3.03
C GLU B 73 -3.23 8.18 2.16
N SER B 74 -2.55 8.41 1.03
CA SER B 74 -2.11 7.40 0.01
C SER B 74 -1.26 6.30 0.66
N VAL B 75 -0.43 6.63 1.67
CA VAL B 75 0.41 5.67 2.44
C VAL B 75 -0.52 4.91 3.39
N GLN B 76 -0.41 3.58 3.44
CA GLN B 76 -1.51 2.68 3.89
C GLN B 76 -1.12 1.96 5.18
N SER B 77 -2.14 1.46 5.89
CA SER B 77 -2.01 0.56 7.07
C SER B 77 -3.26 -0.33 7.17
#